data_9CML
#
_entry.id   9CML
#
_cell.length_a   41.041
_cell.length_b   91.173
_cell.length_c   47.944
_cell.angle_alpha   90.00
_cell.angle_beta   113.02
_cell.angle_gamma   90.00
#
_symmetry.space_group_name_H-M   'P 1 21 1'
#
loop_
_entity.id
_entity.type
_entity.pdbx_description
1 polymer 'Phosphatidylinositol 4,5-bisphosphate 3-kinase catalytic subunit alpha isoform'
2 non-polymer 'tert-butyl [2-(2-{[(2P)-2-{4-[4-(2-amino-2-oxoethyl)-2-fluoroanilino]thieno[2,3-d]pyridazin-7-yl}phenyl]oxy}ethoxy)ethyl]carbamate'
3 water water
#
_entity_poly.entity_id   1
_entity_poly.type   'polypeptide(L)'
_entity_poly.pdbx_seq_one_letter_code
;HSRAMYVYPPNVESSPELPKHIYNKLDKGQIIVVIWVIVSPNNDKQKYTLKINHDCVPEQVIAEAIRKKTRSMLLSSEQL
KLCVLEYQGKYILKVCGCDEYFLEKYPLSQYKYIRSCIMLGRMPNLMLMAKESLYSQLPMD
;
_entity_poly.pdbx_strand_id   A,B
#
loop_
_chem_comp.id
_chem_comp.type
_chem_comp.name
_chem_comp.formula
A1AZD non-polymer 'tert-butyl [2-(2-{[(2P)-2-{4-[4-(2-amino-2-oxoethyl)-2-fluoroanilino]thieno[2,3-d]pyridazin-7-yl}phenyl]oxy}ethoxy)ethyl]carbamate' 'C29 H32 F N5 O5 S'
#
# COMPACT_ATOMS: atom_id res chain seq x y z
N MET A 5 -6.64 0.23 -19.80
CA MET A 5 -6.25 0.71 -18.49
C MET A 5 -4.98 0.06 -17.98
N TYR A 6 -3.87 0.27 -18.68
CA TYR A 6 -2.58 -0.08 -18.11
C TYR A 6 -2.21 0.87 -16.99
N VAL A 7 -1.58 0.32 -15.95
CA VAL A 7 -1.09 1.09 -14.81
C VAL A 7 0.42 0.97 -14.82
N TYR A 8 1.10 2.10 -14.83
CA TYR A 8 2.55 2.11 -14.98
C TYR A 8 3.22 2.16 -13.61
N PRO A 9 4.48 1.72 -13.54
CA PRO A 9 5.23 1.75 -12.27
C PRO A 9 5.38 3.17 -11.78
N PRO A 10 5.64 3.37 -10.49
CA PRO A 10 5.81 4.74 -9.99
C PRO A 10 7.01 5.42 -10.63
N ASN A 11 6.83 6.70 -10.96
CA ASN A 11 7.84 7.51 -11.63
C ASN A 11 8.68 8.19 -10.55
N VAL A 12 9.65 7.45 -10.02
CA VAL A 12 10.44 7.89 -8.88
C VAL A 12 11.91 8.00 -9.28
N GLU A 13 12.65 8.74 -8.47
CA GLU A 13 14.09 8.83 -8.59
C GLU A 13 14.74 7.60 -7.95
N SER A 14 16.03 7.40 -8.25
CA SER A 14 16.71 6.19 -7.82
C SER A 14 17.06 6.19 -6.33
N SER A 15 17.04 7.36 -5.68
CA SER A 15 17.40 7.50 -4.28
C SER A 15 16.48 8.50 -3.61
N PRO A 16 16.12 8.29 -2.34
CA PRO A 16 15.34 9.30 -1.61
C PRO A 16 16.16 10.50 -1.19
N GLU A 17 17.49 10.45 -1.33
CA GLU A 17 18.32 11.58 -0.95
C GLU A 17 18.13 12.73 -1.94
N LEU A 18 17.95 13.94 -1.42
CA LEU A 18 17.76 15.05 -2.34
C LEU A 18 19.11 15.64 -2.74
N PRO A 19 19.28 15.98 -4.02
CA PRO A 19 20.48 16.72 -4.43
C PRO A 19 20.60 18.02 -3.64
N LYS A 20 21.83 18.55 -3.61
CA LYS A 20 22.13 19.71 -2.79
C LYS A 20 21.20 20.88 -3.11
N HIS A 21 21.05 21.19 -4.40
CA HIS A 21 20.29 22.37 -4.80
C HIS A 21 18.80 22.22 -4.54
N ILE A 22 18.29 20.99 -4.45
CA ILE A 22 16.88 20.76 -4.14
C ILE A 22 16.65 20.73 -2.63
N TYR A 23 17.55 20.07 -1.90
CA TYR A 23 17.44 20.03 -0.43
C TYR A 23 17.42 21.43 0.17
N ASN A 24 18.26 22.33 -0.34
CA ASN A 24 18.35 23.66 0.25
C ASN A 24 17.17 24.56 -0.09
N LYS A 25 16.23 24.08 -0.92
CA LYS A 25 15.02 24.83 -1.26
C LYS A 25 13.83 24.46 -0.39
N LEU A 26 13.99 23.54 0.55
CA LEU A 26 12.89 23.18 1.44
C LEU A 26 12.75 24.24 2.53
N ASP A 27 11.52 24.43 2.99
CA ASP A 27 11.22 25.35 4.08
C ASP A 27 11.08 24.51 5.35
N LYS A 28 12.17 24.43 6.12
CA LYS A 28 12.22 23.58 7.30
C LYS A 28 11.72 22.16 6.99
N GLY A 29 12.15 21.65 5.85
CA GLY A 29 11.83 20.29 5.43
C GLY A 29 10.40 20.07 5.00
N GLN A 30 9.66 21.14 4.70
CA GLN A 30 8.24 21.06 4.40
C GLN A 30 7.97 21.59 3.00
N ILE A 31 6.89 21.09 2.38
CA ILE A 31 6.41 21.56 1.09
C ILE A 31 4.91 21.76 1.17
N ILE A 32 4.35 22.38 0.15
CA ILE A 32 2.91 22.65 0.04
C ILE A 32 2.39 21.94 -1.20
N VAL A 33 1.23 21.31 -1.09
CA VAL A 33 0.59 20.63 -2.22
C VAL A 33 -0.88 21.02 -2.26
N VAL A 34 -1.47 20.90 -3.45
CA VAL A 34 -2.89 21.12 -3.67
C VAL A 34 -3.53 19.78 -4.05
N ILE A 35 -4.61 19.42 -3.36
CA ILE A 35 -5.30 18.15 -3.56
C ILE A 35 -6.70 18.43 -4.07
N TRP A 36 -7.00 17.96 -5.27
CA TRP A 36 -8.29 18.18 -5.91
C TRP A 36 -9.18 16.95 -5.76
N VAL A 37 -10.50 17.18 -5.73
CA VAL A 37 -11.48 16.10 -5.69
C VAL A 37 -12.71 16.53 -6.48
N ILE A 38 -13.35 15.57 -7.14
CA ILE A 38 -14.62 15.78 -7.82
C ILE A 38 -15.76 15.55 -6.84
N VAL A 39 -16.65 16.53 -6.72
CA VAL A 39 -17.75 16.44 -5.77
C VAL A 39 -19.10 16.22 -6.48
N ASN A 42 -22.72 16.33 -10.51
CA ASN A 42 -22.45 17.74 -10.79
C ASN A 42 -21.03 17.94 -11.30
N ASN A 43 -20.13 17.02 -10.89
CA ASN A 43 -18.72 17.05 -11.28
C ASN A 43 -18.07 18.39 -10.92
N ASP A 44 -18.50 18.97 -9.80
CA ASP A 44 -17.83 20.14 -9.25
C ASP A 44 -16.54 19.73 -8.58
N LYS A 45 -15.64 20.71 -8.42
CA LYS A 45 -14.31 20.44 -7.90
C LYS A 45 -14.09 21.21 -6.60
N GLN A 46 -13.44 20.55 -5.66
CA GLN A 46 -13.01 21.16 -4.41
C GLN A 46 -11.53 20.87 -4.24
N LYS A 47 -10.87 21.67 -3.39
CA LYS A 47 -9.43 21.51 -3.23
C LYS A 47 -9.02 21.82 -1.81
N TYR A 48 -7.93 21.20 -1.38
CA TYR A 48 -7.22 21.53 -0.16
C TYR A 48 -5.80 21.94 -0.51
N THR A 49 -5.27 22.91 0.24
CA THR A 49 -3.87 23.31 0.15
C THR A 49 -3.22 22.92 1.47
N LEU A 50 -2.31 21.95 1.44
CA LEU A 50 -1.75 21.36 2.64
C LEU A 50 -0.24 21.53 2.67
N LYS A 51 0.29 21.85 3.84
CA LYS A 51 1.72 21.86 4.09
C LYS A 51 2.12 20.55 4.76
N ILE A 52 3.11 19.86 4.17
CA ILE A 52 3.49 18.53 4.64
C ILE A 52 5.01 18.41 4.61
N ASN A 53 5.52 17.48 5.41
CA ASN A 53 6.92 17.09 5.29
C ASN A 53 7.17 16.55 3.88
N HIS A 54 8.34 16.87 3.33
CA HIS A 54 8.65 16.46 1.96
C HIS A 54 8.73 14.95 1.83
N ASP A 55 9.12 14.26 2.91
CA ASP A 55 9.27 12.81 2.89
C ASP A 55 8.03 12.07 3.40
N CYS A 56 6.85 12.67 3.31
CA CYS A 56 5.61 11.96 3.61
C CYS A 56 5.25 11.03 2.46
N VAL A 57 4.77 9.83 2.80
CA VAL A 57 4.34 8.85 1.80
C VAL A 57 2.91 9.18 1.37
N PRO A 58 2.48 8.75 0.18
CA PRO A 58 1.15 9.17 -0.31
C PRO A 58 -0.01 8.89 0.63
N GLU A 59 0.01 7.77 1.37
CA GLU A 59 -1.09 7.52 2.29
C GLU A 59 -1.09 8.51 3.45
N GLN A 60 0.08 9.05 3.81
CA GLN A 60 0.12 10.09 4.82
C GLN A 60 -0.44 11.41 4.30
N VAL A 61 -0.31 11.66 3.00
CA VAL A 61 -0.93 12.83 2.38
C VAL A 61 -2.45 12.71 2.42
N ILE A 62 -2.97 11.53 2.05
CA ILE A 62 -4.40 11.30 2.15
C ILE A 62 -4.85 11.39 3.60
N ALA A 63 -4.01 10.92 4.52
CA ALA A 63 -4.34 10.99 5.94
C ALA A 63 -4.44 12.44 6.42
N GLU A 64 -3.53 13.30 5.98
CA GLU A 64 -3.61 14.72 6.35
C GLU A 64 -4.90 15.36 5.83
N ALA A 65 -5.34 14.98 4.63
CA ALA A 65 -6.60 15.48 4.12
C ALA A 65 -7.78 14.95 4.93
N ILE A 66 -7.68 13.72 5.44
CA ILE A 66 -8.74 13.21 6.32
C ILE A 66 -8.76 14.02 7.62
N ARG A 67 -7.58 14.34 8.15
CA ARG A 67 -7.50 15.20 9.34
C ARG A 67 -8.23 16.52 9.11
N LYS A 68 -8.02 17.14 7.95
CA LYS A 68 -8.65 18.43 7.66
C LYS A 68 -10.16 18.30 7.47
N LYS A 69 -10.61 17.21 6.84
CA LYS A 69 -12.03 17.05 6.53
C LYS A 69 -12.85 16.84 7.80
N THR A 70 -12.31 16.12 8.78
CA THR A 70 -13.03 15.79 10.01
C THR A 70 -12.66 16.71 11.17
N ARG A 71 -12.02 17.85 10.88
CA ARG A 71 -11.53 18.72 11.95
CA ARG A 71 -11.53 18.71 11.95
C ARG A 71 -12.66 19.24 12.82
N SER A 72 -13.79 19.62 12.20
CA SER A 72 -14.89 20.21 12.97
C SER A 72 -15.55 19.23 13.92
N MET A 73 -15.25 17.93 13.82
CA MET A 73 -15.83 16.95 14.72
C MET A 73 -15.14 16.89 16.08
N LEU A 74 -14.00 17.56 16.23
CA LEU A 74 -13.24 17.55 17.48
C LEU A 74 -12.89 16.12 17.90
N LEU A 75 -12.36 15.36 16.95
CA LEU A 75 -11.98 13.99 17.19
C LEU A 75 -10.75 13.93 18.10
N SER A 76 -10.66 12.87 18.89
CA SER A 76 -9.43 12.62 19.62
C SER A 76 -8.42 11.98 18.68
N SER A 77 -7.19 11.81 19.18
CA SER A 77 -6.16 11.18 18.36
C SER A 77 -6.52 9.74 18.04
N GLU A 78 -7.21 9.05 18.96
CA GLU A 78 -7.61 7.67 18.71
C GLU A 78 -8.75 7.60 17.70
N GLN A 79 -9.70 8.54 17.79
CA GLN A 79 -10.79 8.57 16.82
C GLN A 79 -10.27 8.91 15.43
N LEU A 80 -9.30 9.82 15.34
CA LEU A 80 -8.71 10.14 14.04
C LEU A 80 -7.97 8.94 13.46
N LYS A 81 -7.24 8.22 14.31
CA LYS A 81 -6.55 7.02 13.83
C LYS A 81 -7.54 6.00 13.29
N LEU A 82 -8.69 5.86 13.93
CA LEU A 82 -9.71 4.92 13.47
C LEU A 82 -10.26 5.32 12.10
N CYS A 83 -10.58 6.61 11.93
CA CYS A 83 -11.12 7.07 10.66
C CYS A 83 -10.07 6.99 9.55
N VAL A 84 -8.82 7.31 9.85
CA VAL A 84 -7.77 7.28 8.84
C VAL A 84 -7.55 5.84 8.35
N LEU A 85 -7.48 4.89 9.28
CA LEU A 85 -7.29 3.49 8.89
C LEU A 85 -8.48 2.97 8.08
N GLU A 86 -9.65 3.58 8.22
CA GLU A 86 -10.82 3.10 7.50
C GLU A 86 -10.88 3.63 6.07
N TYR A 87 -10.45 4.88 5.86
CA TYR A 87 -10.66 5.56 4.58
C TYR A 87 -9.42 5.80 3.75
N GLN A 88 -8.23 5.81 4.36
CA GLN A 88 -7.04 6.20 3.59
C GLN A 88 -6.68 5.21 2.50
N GLY A 89 -7.10 3.95 2.62
CA GLY A 89 -6.83 2.96 1.59
C GLY A 89 -7.84 2.90 0.47
N LYS A 90 -8.95 3.61 0.59
CA LYS A 90 -10.00 3.59 -0.42
C LYS A 90 -9.78 4.62 -1.53
N TYR A 91 -8.74 5.44 -1.41
CA TYR A 91 -8.49 6.51 -2.36
C TYR A 91 -7.04 6.47 -2.82
N ILE A 92 -6.78 7.12 -3.96
CA ILE A 92 -5.44 7.18 -4.54
C ILE A 92 -5.18 8.59 -5.05
N LEU A 93 -3.91 8.91 -5.22
CA LEU A 93 -3.48 10.22 -5.69
C LEU A 93 -2.98 10.11 -7.12
N LYS A 94 -3.37 11.08 -7.95
CA LYS A 94 -3.02 11.12 -9.36
C LYS A 94 -2.54 12.52 -9.72
N VAL A 95 -1.48 12.60 -10.52
CA VAL A 95 -1.00 13.88 -11.00
C VAL A 95 -2.05 14.46 -11.96
N CYS A 96 -2.46 15.69 -11.70
CA CYS A 96 -3.45 16.35 -12.55
C CYS A 96 -2.97 16.42 -13.99
N GLY A 97 -3.82 16.01 -14.92
CA GLY A 97 -3.51 16.10 -16.34
C GLY A 97 -2.53 15.08 -16.85
N CYS A 98 -2.22 14.04 -16.08
CA CYS A 98 -1.28 13.02 -16.51
C CYS A 98 -1.74 11.66 -15.99
N ASP A 99 -1.46 10.60 -16.75
CA ASP A 99 -1.83 9.24 -16.38
C ASP A 99 -0.74 8.63 -15.48
N GLU A 100 -0.57 9.24 -14.31
CA GLU A 100 0.51 8.90 -13.40
C GLU A 100 -0.02 8.93 -11.98
N TYR A 101 0.24 7.87 -11.22
CA TYR A 101 -0.32 7.70 -9.89
C TYR A 101 0.79 7.46 -8.87
N PHE A 102 0.51 7.81 -7.63
CA PHE A 102 1.44 7.60 -6.51
C PHE A 102 0.95 6.39 -5.71
N LEU A 103 1.15 5.20 -6.28
CA LEU A 103 0.57 3.99 -5.72
C LEU A 103 1.47 3.27 -4.72
N GLU A 104 2.75 3.59 -4.68
CA GLU A 104 3.70 2.86 -3.85
C GLU A 104 4.27 3.77 -2.76
N LYS A 105 4.77 3.13 -1.70
CA LYS A 105 5.27 3.83 -0.52
C LYS A 105 6.66 4.36 -0.83
N TYR A 106 6.71 5.58 -1.36
CA TYR A 106 7.93 6.33 -1.56
C TYR A 106 7.76 7.70 -0.91
N PRO A 107 8.82 8.28 -0.39
CA PRO A 107 8.76 9.70 -0.01
C PRO A 107 8.26 10.52 -1.20
N LEU A 108 7.33 11.42 -0.92
CA LEU A 108 6.71 12.17 -2.01
C LEU A 108 7.75 12.86 -2.88
N SER A 109 8.76 13.45 -2.25
CA SER A 109 9.81 14.16 -2.99
C SER A 109 10.66 13.23 -3.84
N GLN A 110 10.54 11.91 -3.66
CA GLN A 110 11.23 10.97 -4.54
C GLN A 110 10.49 10.74 -5.84
N TYR A 111 9.18 11.03 -5.89
CA TYR A 111 8.46 11.02 -7.15
C TYR A 111 8.97 12.16 -8.03
N LYS A 112 9.16 11.87 -9.31
CA LYS A 112 9.81 12.83 -10.20
C LYS A 112 9.00 14.11 -10.36
N TYR A 113 7.67 14.01 -10.32
CA TYR A 113 6.83 15.20 -10.45
C TYR A 113 7.01 16.14 -9.25
N ILE A 114 7.09 15.58 -8.05
CA ILE A 114 7.24 16.39 -6.85
C ILE A 114 8.62 17.02 -6.79
N ARG A 115 9.67 16.22 -7.06
CA ARG A 115 11.03 16.76 -7.02
C ARG A 115 11.23 17.85 -8.06
N SER A 116 10.54 17.74 -9.20
CA SER A 116 10.58 18.80 -10.20
C SER A 116 9.87 20.05 -9.70
N CYS A 117 8.73 19.88 -9.00
CA CYS A 117 8.03 21.04 -8.44
C CYS A 117 8.88 21.77 -7.41
N ILE A 118 9.63 21.03 -6.60
CA ILE A 118 10.47 21.66 -5.58
C ILE A 118 11.58 22.46 -6.25
N MET A 119 12.23 21.88 -7.26
CA MET A 119 13.32 22.57 -7.95
C MET A 119 12.83 23.87 -8.58
N LEU A 120 11.73 23.81 -9.32
CA LEU A 120 11.22 24.93 -10.09
C LEU A 120 10.36 25.89 -9.28
N GLY A 121 10.08 25.58 -8.02
CA GLY A 121 9.22 26.45 -7.24
C GLY A 121 7.78 26.44 -7.71
N ARG A 122 7.31 25.32 -8.26
CA ARG A 122 5.96 25.18 -8.75
C ARG A 122 5.12 24.39 -7.74
N MET A 123 3.81 24.66 -7.75
CA MET A 123 2.91 24.02 -6.80
C MET A 123 2.47 22.67 -7.32
N PRO A 124 2.72 21.58 -6.59
CA PRO A 124 2.20 20.27 -7.01
C PRO A 124 0.67 20.26 -6.95
N ASN A 125 0.05 19.81 -8.03
CA ASN A 125 -1.40 19.65 -8.11
C ASN A 125 -1.72 18.18 -8.29
N LEU A 126 -2.45 17.60 -7.34
CA LEU A 126 -2.78 16.18 -7.36
C LEU A 126 -4.29 16.01 -7.26
N MET A 127 -4.79 14.94 -7.88
CA MET A 127 -6.21 14.58 -7.85
C MET A 127 -6.37 13.34 -6.98
N LEU A 128 -7.19 13.44 -5.94
CA LEU A 128 -7.52 12.30 -5.09
C LEU A 128 -8.72 11.57 -5.70
N MET A 129 -8.54 10.28 -6.00
CA MET A 129 -9.56 9.51 -6.70
C MET A 129 -9.81 8.19 -6.00
N ALA A 130 -10.98 7.62 -6.26
CA ALA A 130 -11.31 6.30 -5.73
C ALA A 130 -10.43 5.24 -6.36
N LYS A 131 -9.93 4.31 -5.54
CA LYS A 131 -9.05 3.27 -6.02
C LYS A 131 -9.71 2.39 -7.08
N GLU A 132 -11.04 2.30 -7.10
CA GLU A 132 -11.72 1.45 -8.07
C GLU A 132 -11.62 1.95 -9.50
N SER A 133 -11.23 3.20 -9.72
CA SER A 133 -11.14 3.69 -11.09
C SER A 133 -9.95 3.08 -11.83
N LEU A 134 -9.01 2.48 -11.10
CA LEU A 134 -7.89 1.77 -11.70
C LEU A 134 -8.29 0.39 -12.21
N TYR A 135 -9.42 -0.15 -11.74
CA TYR A 135 -9.72 -1.56 -11.98
C TYR A 135 -10.11 -1.81 -13.43
N SER A 136 -9.49 -2.83 -14.02
CA SER A 136 -9.82 -3.32 -15.35
C SER A 136 -10.79 -4.48 -15.24
N GLN A 137 -11.75 -4.54 -16.16
CA GLN A 137 -12.71 -5.63 -16.20
C GLN A 137 -12.04 -6.89 -16.76
N LEU A 138 -12.51 -8.05 -16.33
CA LEU A 138 -11.82 -9.24 -16.79
C LEU A 138 -12.35 -9.65 -18.17
N PRO A 139 -11.49 -10.19 -19.03
CA PRO A 139 -11.83 -10.61 -20.40
C PRO A 139 -12.87 -11.73 -20.44
N SER B 2 9.94 0.22 -21.10
CA SER B 2 8.60 0.60 -20.69
C SER B 2 7.77 -0.62 -20.31
N ARG B 3 7.17 -0.59 -19.11
CA ARG B 3 6.41 -1.70 -18.56
C ARG B 3 5.08 -1.19 -18.01
N ALA B 4 4.11 -2.08 -17.92
CA ALA B 4 2.79 -1.72 -17.40
C ALA B 4 2.07 -2.99 -16.96
N MET B 5 1.04 -2.79 -16.13
CA MET B 5 0.25 -3.91 -15.62
C MET B 5 -1.22 -3.52 -15.57
N TYR B 6 -2.07 -4.50 -15.87
CA TYR B 6 -3.50 -4.40 -15.63
C TYR B 6 -3.78 -4.64 -14.16
N VAL B 7 -4.73 -3.89 -13.58
CA VAL B 7 -5.09 -4.04 -12.18
C VAL B 7 -6.53 -4.54 -12.09
N TYR B 8 -6.72 -5.71 -11.49
CA TYR B 8 -8.03 -6.34 -11.32
C TYR B 8 -8.51 -6.16 -9.89
N PRO B 9 -9.82 -6.20 -9.65
CA PRO B 9 -10.31 -5.98 -8.29
C PRO B 9 -9.87 -7.09 -7.36
N PRO B 10 -9.73 -6.80 -6.07
CA PRO B 10 -9.37 -7.85 -5.11
C PRO B 10 -10.50 -8.86 -4.94
N ASN B 11 -10.13 -10.14 -4.79
CA ASN B 11 -11.12 -11.20 -4.61
C ASN B 11 -11.36 -11.38 -3.12
N VAL B 12 -12.18 -10.49 -2.57
CA VAL B 12 -12.43 -10.43 -1.13
C VAL B 12 -13.91 -10.61 -0.85
N GLU B 13 -14.22 -10.93 0.40
CA GLU B 13 -15.60 -10.96 0.86
C GLU B 13 -16.09 -9.55 1.16
N SER B 14 -17.41 -9.42 1.30
CA SER B 14 -17.99 -8.08 1.46
C SER B 14 -17.74 -7.51 2.85
N SER B 15 -17.38 -8.33 3.83
CA SER B 15 -17.15 -7.85 5.19
C SER B 15 -15.98 -8.59 5.83
N PRO B 16 -15.19 -7.91 6.65
CA PRO B 16 -14.13 -8.62 7.41
C PRO B 16 -14.65 -9.45 8.57
N GLU B 17 -15.93 -9.32 8.92
CA GLU B 17 -16.48 -10.08 10.03
C GLU B 17 -16.58 -11.55 9.65
N LEU B 18 -16.15 -12.42 10.56
CA LEU B 18 -16.24 -13.84 10.21
C LEU B 18 -17.58 -14.41 10.66
N PRO B 19 -18.22 -15.23 9.83
CA PRO B 19 -19.41 -15.95 10.28
C PRO B 19 -19.08 -16.82 11.49
N LYS B 20 -20.13 -17.17 12.25
CA LYS B 20 -19.94 -17.88 13.51
C LYS B 20 -19.16 -19.17 13.32
N HIS B 21 -19.53 -19.98 12.33
CA HIS B 21 -18.90 -21.28 12.16
C HIS B 21 -17.46 -21.17 11.70
N ILE B 22 -17.08 -20.05 11.09
CA ILE B 22 -15.69 -19.83 10.72
C ILE B 22 -14.91 -19.22 11.88
N TYR B 23 -15.51 -18.24 12.56
CA TYR B 23 -14.87 -17.61 13.71
C TYR B 23 -14.51 -18.63 14.78
N ASN B 24 -15.43 -19.56 15.08
CA ASN B 24 -15.20 -20.53 16.14
C ASN B 24 -14.19 -21.60 15.76
N LYS B 25 -13.67 -21.57 14.53
CA LYS B 25 -12.67 -22.53 14.10
C LYS B 25 -11.24 -22.03 14.27
N LEU B 26 -11.05 -20.79 14.73
CA LEU B 26 -9.73 -20.24 14.91
C LEU B 26 -9.12 -20.71 16.24
N ASP B 27 -7.80 -20.83 16.24
CA ASP B 27 -7.04 -21.15 17.45
C ASP B 27 -6.49 -19.85 18.01
N LYS B 28 -7.19 -19.29 18.99
CA LYS B 28 -6.87 -17.98 19.58
C LYS B 28 -6.69 -16.93 18.49
N GLY B 29 -7.58 -16.95 17.50
CA GLY B 29 -7.58 -15.98 16.43
C GLY B 29 -6.44 -16.09 15.46
N GLN B 30 -5.77 -17.23 15.41
CA GLN B 30 -4.57 -17.41 14.61
C GLN B 30 -4.80 -18.49 13.56
N ILE B 31 -4.07 -18.38 12.44
CA ILE B 31 -4.06 -19.37 11.38
C ILE B 31 -2.62 -19.62 10.96
N ILE B 32 -2.42 -20.68 10.18
CA ILE B 32 -1.11 -21.05 9.66
C ILE B 32 -1.15 -20.96 8.15
N VAL B 33 -0.09 -20.41 7.56
CA VAL B 33 0.04 -20.30 6.11
C VAL B 33 1.43 -20.79 5.72
N VAL B 34 1.57 -21.21 4.47
CA VAL B 34 2.84 -21.61 3.89
C VAL B 34 3.18 -20.61 2.80
N ILE B 35 4.41 -20.09 2.83
CA ILE B 35 4.86 -19.05 1.92
C ILE B 35 5.98 -19.63 1.07
N TRP B 36 5.78 -19.62 -0.25
CA TRP B 36 6.76 -20.14 -1.19
C TRP B 36 7.51 -19.01 -1.88
N VAL B 37 8.75 -19.30 -2.28
CA VAL B 37 9.58 -18.38 -3.05
C VAL B 37 10.37 -19.21 -4.06
N ILE B 38 10.51 -18.69 -5.26
CA ILE B 38 11.34 -19.32 -6.27
C ILE B 38 12.74 -18.73 -6.12
N VAL B 39 13.72 -19.60 -5.89
CA VAL B 39 15.08 -19.14 -5.66
C VAL B 39 15.96 -19.52 -6.84
N ASP B 44 14.33 -23.39 -8.42
CA ASP B 44 14.19 -24.12 -7.16
C ASP B 44 13.28 -23.36 -6.20
N LYS B 45 12.70 -24.08 -5.24
CA LYS B 45 11.70 -23.53 -4.34
C LYS B 45 12.12 -23.71 -2.89
N GLN B 46 11.84 -22.68 -2.08
CA GLN B 46 12.00 -22.72 -0.63
C GLN B 46 10.69 -22.28 0.00
N LYS B 47 10.49 -22.63 1.28
CA LYS B 47 9.22 -22.33 1.93
C LYS B 47 9.43 -22.00 3.40
N TYR B 48 8.51 -21.18 3.93
CA TYR B 48 8.35 -20.93 5.35
C TYR B 48 6.94 -21.33 5.77
N THR B 49 6.80 -21.87 6.98
CA THR B 49 5.51 -22.16 7.58
C THR B 49 5.33 -21.24 8.78
N LEU B 50 4.37 -20.32 8.69
CA LEU B 50 4.20 -19.26 9.67
C LEU B 50 2.80 -19.30 10.27
N LYS B 51 2.73 -19.08 11.59
CA LYS B 51 1.46 -18.88 12.28
C LYS B 51 1.26 -17.38 12.45
N ILE B 52 0.08 -16.89 12.05
CA ILE B 52 -0.22 -15.46 12.04
C ILE B 52 -1.64 -15.23 12.52
N ASN B 53 -1.89 -14.01 12.99
CA ASN B 53 -3.26 -13.60 13.24
C ASN B 53 -4.06 -13.66 11.94
N HIS B 54 -5.32 -14.08 12.04
CA HIS B 54 -6.14 -14.25 10.85
C HIS B 54 -6.41 -12.92 10.15
N ASP B 55 -6.47 -11.82 10.90
CA ASP B 55 -6.75 -10.50 10.32
C ASP B 55 -5.48 -9.77 9.91
N CYS B 56 -4.41 -10.52 9.63
CA CYS B 56 -3.16 -9.90 9.21
CA CYS B 56 -3.14 -9.95 9.19
C CYS B 56 -3.28 -9.42 7.77
N VAL B 57 -2.78 -8.20 7.52
CA VAL B 57 -2.78 -7.67 6.16
C VAL B 57 -1.57 -8.27 5.44
N PRO B 58 -1.58 -8.33 4.11
CA PRO B 58 -0.47 -9.01 3.41
C PRO B 58 0.91 -8.48 3.73
N GLU B 59 1.06 -7.16 3.91
CA GLU B 59 2.39 -6.61 4.20
C GLU B 59 2.88 -7.03 5.57
N GLN B 60 1.96 -7.28 6.52
CA GLN B 60 2.36 -7.82 7.82
C GLN B 60 2.77 -9.28 7.72
N VAL B 61 2.19 -10.03 6.78
CA VAL B 61 2.63 -11.40 6.54
C VAL B 61 4.06 -11.41 6.00
N ILE B 62 4.33 -10.53 5.03
CA ILE B 62 5.67 -10.40 4.47
C ILE B 62 6.65 -9.95 5.55
N ALA B 63 6.21 -9.09 6.47
CA ALA B 63 7.08 -8.62 7.54
C ALA B 63 7.49 -9.76 8.46
N GLU B 64 6.56 -10.65 8.81
CA GLU B 64 6.91 -11.80 9.63
C GLU B 64 7.90 -12.70 8.91
N ALA B 65 7.76 -12.84 7.59
CA ALA B 65 8.73 -13.60 6.82
C ALA B 65 10.10 -12.93 6.83
N ILE B 66 10.13 -11.59 6.84
CA ILE B 66 11.42 -10.90 6.93
C ILE B 66 12.05 -11.14 8.29
N ARG B 67 11.26 -11.13 9.36
CA ARG B 67 11.80 -11.45 10.68
C ARG B 67 12.45 -12.83 10.67
N LYS B 68 11.79 -13.82 10.04
CA LYS B 68 12.35 -15.16 10.03
C LYS B 68 13.63 -15.22 9.19
N LYS B 69 13.67 -14.49 8.07
CA LYS B 69 14.82 -14.55 7.18
C LYS B 69 16.07 -13.94 7.82
N THR B 70 15.91 -12.88 8.61
CA THR B 70 17.03 -12.13 9.15
C THR B 70 17.36 -12.54 10.60
N ARG B 71 16.86 -13.68 11.06
CA ARG B 71 17.08 -14.04 12.46
C ARG B 71 18.55 -14.30 12.76
N SER B 72 19.32 -14.78 11.78
CA SER B 72 20.74 -15.02 12.01
C SER B 72 21.56 -13.72 12.08
N MET B 73 20.98 -12.58 11.70
CA MET B 73 21.69 -11.31 11.77
C MET B 73 21.75 -10.74 13.18
N LEU B 74 21.01 -11.32 14.12
CA LEU B 74 20.95 -10.84 15.50
C LEU B 74 20.58 -9.36 15.54
N LEU B 75 19.56 -9.00 14.76
CA LEU B 75 19.10 -7.62 14.72
C LEU B 75 18.41 -7.25 16.02
N SER B 76 18.54 -5.98 16.39
CA SER B 76 17.76 -5.44 17.50
C SER B 76 16.34 -5.13 17.04
N SER B 77 15.50 -4.75 18.00
CA SER B 77 14.11 -4.44 17.67
C SER B 77 14.02 -3.26 16.73
N GLU B 78 14.91 -2.27 16.88
CA GLU B 78 14.89 -1.12 15.99
C GLU B 78 15.48 -1.45 14.62
N GLN B 79 16.55 -2.26 14.59
CA GLN B 79 17.16 -2.63 13.31
C GLN B 79 16.23 -3.49 12.47
N LEU B 80 15.46 -4.37 13.11
CA LEU B 80 14.47 -5.15 12.36
C LEU B 80 13.42 -4.25 11.74
N LYS B 81 12.98 -3.23 12.48
CA LYS B 81 12.00 -2.28 11.94
C LYS B 81 12.52 -1.62 10.68
N LEU B 82 13.82 -1.33 10.62
CA LEU B 82 14.38 -0.71 9.42
C LEU B 82 14.30 -1.66 8.22
N CYS B 83 14.63 -2.93 8.43
CA CYS B 83 14.59 -3.89 7.33
C CYS B 83 13.15 -4.11 6.84
N VAL B 84 12.19 -4.15 7.76
CA VAL B 84 10.80 -4.36 7.36
C VAL B 84 10.29 -3.18 6.54
N LEU B 85 10.55 -1.96 7.00
CA LEU B 85 10.10 -0.80 6.24
C LEU B 85 10.77 -0.70 4.87
N GLU B 86 11.95 -1.29 4.71
CA GLU B 86 12.65 -1.20 3.44
C GLU B 86 12.18 -2.26 2.44
N TYR B 87 11.85 -3.46 2.92
CA TYR B 87 11.62 -4.59 2.04
C TYR B 87 10.16 -5.03 1.93
N GLN B 88 9.30 -4.72 2.90
CA GLN B 88 7.94 -5.23 2.87
C GLN B 88 7.13 -4.69 1.70
N GLY B 89 7.53 -3.54 1.15
CA GLY B 89 6.85 -3.00 -0.01
C GLY B 89 7.36 -3.51 -1.34
N LYS B 90 8.48 -4.23 -1.35
CA LYS B 90 9.07 -4.73 -2.58
C LYS B 90 8.53 -6.08 -3.00
N TYR B 91 7.65 -6.69 -2.19
CA TYR B 91 7.15 -8.03 -2.49
C TYR B 91 5.64 -8.04 -2.36
N ILE B 92 5.03 -9.06 -2.97
CA ILE B 92 3.59 -9.26 -2.99
C ILE B 92 3.32 -10.74 -2.75
N LEU B 93 2.07 -11.04 -2.39
CA LEU B 93 1.64 -12.40 -2.18
C LEU B 93 0.72 -12.82 -3.32
N LYS B 94 0.91 -14.04 -3.80
CA LYS B 94 0.14 -14.60 -4.90
C LYS B 94 -0.34 -16.00 -4.52
N VAL B 95 -1.59 -16.30 -4.84
CA VAL B 95 -2.13 -17.63 -4.60
C VAL B 95 -1.42 -18.64 -5.49
N CYS B 96 -0.87 -19.69 -4.88
CA CYS B 96 -0.21 -20.75 -5.65
C CYS B 96 -1.17 -21.39 -6.64
N GLY B 97 -0.73 -21.50 -7.89
CA GLY B 97 -1.50 -22.16 -8.92
C GLY B 97 -2.69 -21.37 -9.44
N CYS B 98 -2.78 -20.08 -9.15
CA CYS B 98 -3.87 -19.24 -9.61
C CYS B 98 -3.34 -17.85 -9.91
N ASP B 99 -3.96 -17.19 -10.89
CA ASP B 99 -3.59 -15.84 -11.27
C ASP B 99 -4.35 -14.82 -10.42
N GLU B 100 -4.06 -14.85 -9.12
CA GLU B 100 -4.77 -14.04 -8.14
C GLU B 100 -3.78 -13.51 -7.11
N TYR B 101 -3.83 -12.21 -6.83
CA TYR B 101 -2.85 -11.54 -6.00
C TYR B 101 -3.51 -10.81 -4.84
N PHE B 102 -2.75 -10.69 -3.75
CA PHE B 102 -3.21 -9.97 -2.56
C PHE B 102 -2.53 -8.60 -2.52
N LEU B 103 -3.00 -7.71 -3.40
CA LEU B 103 -2.33 -6.43 -3.61
C LEU B 103 -2.86 -5.32 -2.72
N GLU B 104 -4.02 -5.49 -2.08
CA GLU B 104 -4.61 -4.41 -1.29
C GLU B 104 -4.65 -4.79 0.18
N LYS B 105 -4.75 -3.76 1.01
CA LYS B 105 -4.67 -3.90 2.47
C LYS B 105 -6.03 -4.34 3.01
N TYR B 106 -6.23 -5.65 3.06
CA TYR B 106 -7.38 -6.30 3.67
C TYR B 106 -6.89 -7.31 4.68
N PRO B 107 -7.64 -7.54 5.76
CA PRO B 107 -7.36 -8.70 6.61
C PRO B 107 -7.29 -9.95 5.76
N LEU B 108 -6.25 -10.76 5.98
CA LEU B 108 -6.03 -11.91 5.11
C LEU B 108 -7.26 -12.79 5.01
N SER B 109 -7.92 -13.03 6.14
CA SER B 109 -9.11 -13.88 6.16
C SER B 109 -10.28 -13.28 5.39
N GLN B 110 -10.22 -12.01 5.02
CA GLN B 110 -11.28 -11.45 4.18
C GLN B 110 -11.11 -11.80 2.71
N TYR B 111 -9.91 -12.18 2.29
CA TYR B 111 -9.75 -12.71 0.94
C TYR B 111 -10.45 -14.06 0.81
N LYS B 112 -11.14 -14.26 -0.32
CA LYS B 112 -11.98 -15.44 -0.50
C LYS B 112 -11.18 -16.74 -0.44
N TYR B 113 -9.93 -16.71 -0.91
CA TYR B 113 -9.12 -17.92 -0.85
C TYR B 113 -8.77 -18.30 0.60
N ILE B 114 -8.45 -17.30 1.43
CA ILE B 114 -8.08 -17.60 2.81
C ILE B 114 -9.29 -18.06 3.60
N ARG B 115 -10.43 -17.36 3.46
CA ARG B 115 -11.62 -17.73 4.21
C ARG B 115 -12.13 -19.11 3.80
N SER B 116 -11.94 -19.48 2.53
CA SER B 116 -12.27 -20.84 2.11
C SER B 116 -11.34 -21.85 2.77
N CYS B 117 -10.06 -21.51 2.89
CA CYS B 117 -9.11 -22.40 3.55
C CYS B 117 -9.45 -22.61 5.03
N ILE B 118 -9.89 -21.56 5.72
CA ILE B 118 -10.20 -21.69 7.14
C ILE B 118 -11.42 -22.59 7.34
N MET B 119 -12.48 -22.35 6.55
CA MET B 119 -13.70 -23.13 6.68
C MET B 119 -13.44 -24.62 6.40
N LEU B 120 -12.73 -24.91 5.32
CA LEU B 120 -12.50 -26.29 4.89
C LEU B 120 -11.34 -26.96 5.59
N GLY B 121 -10.60 -26.26 6.44
CA GLY B 121 -9.46 -26.86 7.10
C GLY B 121 -8.29 -27.16 6.18
N ARG B 122 -8.10 -26.35 5.14
CA ARG B 122 -7.01 -26.53 4.19
C ARG B 122 -5.90 -25.52 4.48
N MET B 123 -4.68 -25.89 4.14
CA MET B 123 -3.53 -25.03 4.40
C MET B 123 -3.37 -24.01 3.28
N PRO B 124 -3.42 -22.71 3.57
CA PRO B 124 -3.18 -21.72 2.52
C PRO B 124 -1.75 -21.82 2.00
N ASN B 125 -1.61 -21.89 0.69
CA ASN B 125 -0.31 -21.90 0.03
C ASN B 125 -0.21 -20.65 -0.83
N LEU B 126 0.75 -19.80 -0.51
CA LEU B 126 0.95 -18.52 -1.17
C LEU B 126 2.38 -18.43 -1.70
N MET B 127 2.55 -17.70 -2.80
CA MET B 127 3.84 -17.46 -3.41
C MET B 127 4.24 -16.01 -3.17
N LEU B 128 5.40 -15.81 -2.55
CA LEU B 128 5.97 -14.48 -2.34
C LEU B 128 6.79 -14.13 -3.58
N MET B 129 6.46 -13.00 -4.21
CA MET B 129 7.10 -12.60 -5.46
C MET B 129 7.54 -11.15 -5.39
N ALA B 130 8.53 -10.81 -6.21
CA ALA B 130 8.96 -9.42 -6.32
C ALA B 130 7.88 -8.60 -7.00
N LYS B 131 7.63 -7.40 -6.47
CA LYS B 131 6.59 -6.55 -7.05
C LYS B 131 6.90 -6.19 -8.50
N GLU B 132 8.19 -6.22 -8.90
CA GLU B 132 8.54 -5.91 -10.28
C GLU B 132 8.06 -7.00 -11.25
N SER B 133 7.73 -8.18 -10.74
CA SER B 133 7.28 -9.29 -11.57
C SER B 133 5.88 -9.11 -12.11
N LEU B 134 5.10 -8.16 -11.57
CA LEU B 134 3.76 -7.92 -12.09
C LEU B 134 3.75 -7.18 -13.42
N TYR B 135 4.80 -6.40 -13.69
CA TYR B 135 4.79 -5.53 -14.86
C TYR B 135 5.17 -6.32 -16.10
N SER B 136 4.37 -6.16 -17.16
CA SER B 136 4.67 -6.71 -18.48
C SER B 136 5.36 -5.63 -19.31
N GLN B 137 6.37 -6.03 -20.07
CA GLN B 137 7.07 -5.06 -20.91
C GLN B 137 6.24 -4.70 -22.13
N LEU B 138 6.29 -3.41 -22.50
CA LEU B 138 5.63 -2.74 -23.61
C LEU B 138 6.60 -2.56 -24.78
N PRO B 139 6.11 -2.62 -26.02
CA PRO B 139 6.99 -2.42 -27.17
C PRO B 139 7.58 -1.01 -27.16
N MET B 140 8.78 -0.89 -27.71
CA MET B 140 9.47 0.39 -27.79
C MET B 140 8.97 1.19 -28.99
C2 A1AZD C . -16.40 13.22 -0.60
C3 A1AZD C . -19.18 19.86 0.87
C4 A1AZD C . -19.63 19.13 2.11
C5 A1AZD C . -14.12 11.24 4.08
C6 A1AZD C . -15.17 10.79 5.09
C7 A1AZD C . -17.70 19.67 0.62
C8 A1AZD C . -16.76 20.48 1.22
C10 A1AZD C . -14.99 19.25 0.13
C16 A1AZD C . -16.20 14.11 0.62
C15 A1AZD C . -13.06 17.88 0.16
C14 A1AZD C . -13.95 10.20 2.98
C13 A1AZD C . -12.77 11.44 4.76
C12 A1AZD C . -17.29 18.64 -0.22
C11 A1AZD C . -15.95 18.44 -0.45
C1 A1AZD C . -15.44 12.67 2.42
C18 A1AZD C . -11.83 15.34 0.77
C19 A1AZD C . -11.09 16.35 -0.02
C20 A1AZD C . -11.68 17.66 -0.36
C22 A1AZD C . -9.57 17.86 -1.40
C23 A1AZD C . -10.79 18.49 -1.14
C24 A1AZD C . -11.25 14.00 1.11
C25 A1AZD C . -11.80 12.88 0.52
C26 A1AZD C . -11.28 11.61 0.80
C27 A1AZD C . -10.22 11.49 1.69
C28 A1AZD C . -9.67 12.62 2.29
C29 A1AZD C . -10.18 13.89 2.00
C31 A1AZD C . -13.13 12.09 -1.37
C32 A1AZD C . -14.64 11.92 -1.47
C9 A1AZD C . -15.41 20.29 0.97
F13 A1AZD C . -15.59 17.44 -1.27
N14 A1AZD C . -13.67 19.06 -0.10
N16 A1AZD C . -13.66 16.90 0.87
N17 A1AZD C . -13.07 15.66 1.18
N34 A1AZD C . -15.17 13.59 1.49
N5 A1AZD C . -20.34 19.87 2.97
O2 A1AZD C . -16.46 12.00 2.40
O3 A1AZD C . -14.47 12.50 3.49
O30 A1AZD C . -12.85 13.02 -0.34
O33 A1AZD C . -15.26 13.21 -1.44
O6 A1AZD C . -19.35 17.95 2.33
S21 A1AZD C . -9.56 16.26 -0.67
C2 A1AZD D . 15.74 -14.16 -1.90
C3 A1AZD D . 19.43 -20.13 1.13
C4 A1AZD D . 20.34 -19.03 1.63
C5 A1AZD D . 15.36 -10.44 2.30
C6 A1AZD D . 16.68 -9.75 2.64
C7 A1AZD D . 17.97 -19.85 1.43
C8 A1AZD D . 17.41 -20.22 2.65
C10 A1AZD D . 15.29 -19.34 1.95
C16 A1AZD D . 16.10 -14.51 -0.46
C15 A1AZD D . 13.43 -17.86 2.14
C14 A1AZD D . 14.71 -9.77 1.10
C13 A1AZD D . 14.41 -10.31 3.49
C12 A1AZD D . 17.18 -19.24 0.47
C11 A1AZD D . 15.85 -18.98 0.73
C1 A1AZD D . 16.03 -12.45 0.83
C18 A1AZD D . 12.34 -15.19 2.06
C19 A1AZD D . 11.45 -16.37 2.13
C20 A1AZD D . 11.96 -17.74 2.18
C22 A1AZD D . 9.63 -18.13 2.26
C23 A1AZD D . 10.89 -18.73 2.26
C24 A1AZD D . 11.82 -13.80 2.00
C25 A1AZD D . 11.97 -13.07 0.84
C26 A1AZD D . 11.49 -11.77 0.74
C27 A1AZD D . 10.85 -11.21 1.85
C28 A1AZD D . 10.68 -11.94 3.03
C29 A1AZD D . 11.17 -13.24 3.11
C31 A1AZD D . 12.35 -13.17 -1.57
C32 A1AZD D . 13.66 -13.15 -2.35
C9 A1AZD D . 16.07 -19.96 2.91
F13 A1AZD D . 15.10 -18.39 -0.21
N14 A1AZD D . 13.98 -19.09 2.19
N16 A1AZD D . 14.20 -16.74 2.07
N17 A1AZD D . 13.67 -15.43 2.03
N34 A1AZD D . 15.46 -13.61 0.50
N5 A1AZD D . 21.38 -19.45 2.36
O2 A1AZD D . 16.90 -11.92 0.17
O3 A1AZD D . 15.54 -11.83 2.07
O30 A1AZD D . 12.62 -13.64 -0.24
O33 A1AZD D . 14.35 -14.37 -2.14
O6 A1AZD D . 20.14 -17.84 1.38
S21 A1AZD D . 9.78 -16.38 2.19
#